data_5IT2
#
_entry.id   5IT2
#
_cell.length_a   74.592
_cell.length_b   63.383
_cell.length_c   104.811
_cell.angle_alpha   90.00
_cell.angle_beta   90.00
_cell.angle_gamma   90.00
#
_symmetry.space_group_name_H-M   'P 21 21 21'
#
loop_
_entity.id
_entity.type
_entity.pdbx_description
1 polymer 'heavy chain'
2 polymer 'light chain'
3 water water
#
loop_
_entity_poly.entity_id
_entity_poly.type
_entity_poly.pdbx_seq_one_letter_code
_entity_poly.pdbx_strand_id
1 'polypeptide(L)'
;EVQLVQSGAEVKKPGESLKISCRGSGYSFTSYWIGWVRQMPGKGLEWMGIIYPADSDTRYSPSFQGQVTISADKSINTAY
LQWSSLKASDTAMYYCARLRMIGFDKNAPLDYWGQGTLVTVSSASTKGPSVFPLAPSSKSTSGGTAALGCLVKDYFPEPV
TVSWNSGALTSGVHTFPAVLQSSGLYSLSSVVTVPSSSLGTQTYICNVNHKPSNTKVDKKVEPKSCD
;
H
2 'polypeptide(L)'
;DIQMTQSPSSLSASVGDRVTITCRASQSISSYLNWYQQKPGKTPKLLIYAASSLQSGVPSRFSGSGSGTDFTLTISSLQP
EDFATYYCQQSYSNLMYSFGQGTKVEIKRTVAAPSVFIFPPSDEQLKSGTASVVCLLNNFYPREAKVQWKVDNALQSGNS
QESVTEQDSKDSTYSLSSTLTLSKADYEKHKVYACEVTHQGLSSPVTKSFNRGEC
;
L
#
# COMPACT_ATOMS: atom_id res chain seq x y z
N GLU A 1 8.69 -5.34 -25.29
CA GLU A 1 8.38 -6.53 -26.08
C GLU A 1 6.88 -6.81 -26.00
N VAL A 2 6.53 -7.81 -25.18
CA VAL A 2 5.14 -8.04 -24.85
C VAL A 2 4.68 -6.98 -23.85
N GLN A 3 3.47 -6.48 -24.03
CA GLN A 3 2.92 -5.45 -23.15
C GLN A 3 1.44 -5.70 -22.91
N LEU A 4 1.03 -5.55 -21.65
CA LEU A 4 -0.37 -5.47 -21.27
C LEU A 4 -0.57 -4.12 -20.60
N VAL A 5 -1.54 -3.34 -21.11
CA VAL A 5 -1.81 -2.00 -20.61
C VAL A 5 -3.29 -1.92 -20.24
N GLN A 6 -3.55 -1.47 -19.01
CA GLN A 6 -4.89 -1.48 -18.46
C GLN A 6 -5.47 -0.07 -18.37
N SER A 7 -6.81 -0.01 -18.32
CA SER A 7 -7.50 1.27 -18.23
C SER A 7 -7.28 1.90 -16.86
N GLY A 8 -7.63 3.19 -16.76
CA GLY A 8 -7.28 3.99 -15.60
C GLY A 8 -8.18 3.75 -14.40
N ALA A 9 -7.86 4.48 -13.32
CA ALA A 9 -8.55 4.30 -12.05
C ALA A 9 -10.03 4.61 -12.16
N GLU A 10 -10.84 3.87 -11.41
CA GLU A 10 -12.28 3.99 -11.42
C GLU A 10 -12.78 4.28 -10.00
N VAL A 11 -13.78 5.15 -9.90
CA VAL A 11 -14.44 5.46 -8.64
C VAL A 11 -15.94 5.35 -8.87
N LYS A 12 -16.59 4.43 -8.15
CA LYS A 12 -17.99 4.10 -8.40
C LYS A 12 -18.75 4.05 -7.08
N LYS A 13 -20.11 3.96 -7.20
CA LYS A 13 -21.04 3.78 -6.09
C LYS A 13 -21.55 2.34 -6.06
N PRO A 14 -21.89 1.83 -4.87
CA PRO A 14 -22.52 0.51 -4.80
C PRO A 14 -23.76 0.46 -5.69
N GLY A 15 -23.93 -0.68 -6.37
CA GLY A 15 -25.04 -0.87 -7.28
C GLY A 15 -24.77 -0.50 -8.71
N GLU A 16 -23.68 0.20 -8.99
CA GLU A 16 -23.36 0.57 -10.36
C GLU A 16 -22.62 -0.55 -11.07
N SER A 17 -22.74 -0.58 -12.39
CA SER A 17 -21.99 -1.52 -13.22
C SER A 17 -20.63 -0.93 -13.57
N LEU A 18 -19.70 -1.82 -13.92
CA LEU A 18 -18.35 -1.39 -14.24
C LEU A 18 -17.67 -2.42 -15.12
N LYS A 19 -16.96 -1.94 -16.15
CA LYS A 19 -16.16 -2.77 -17.04
C LYS A 19 -14.80 -2.12 -17.22
N ILE A 20 -13.74 -2.88 -16.95
CA ILE A 20 -12.37 -2.40 -17.10
C ILE A 20 -11.68 -3.26 -18.16
N SER A 21 -10.59 -2.73 -18.71
CA SER A 21 -10.01 -3.29 -19.93
C SER A 21 -8.52 -3.57 -19.78
N CYS A 22 -8.02 -4.42 -20.68
CA CYS A 22 -6.63 -4.87 -20.69
C CYS A 22 -6.22 -5.08 -22.14
N ARG A 23 -5.33 -4.23 -22.64
CA ARG A 23 -4.91 -4.23 -24.04
C ARG A 23 -3.55 -4.91 -24.17
N GLY A 24 -3.49 -5.96 -24.99
CA GLY A 24 -2.25 -6.67 -25.25
C GLY A 24 -1.63 -6.23 -26.57
N SER A 25 -0.30 -6.21 -26.60
CA SER A 25 0.44 -5.87 -27.81
C SER A 25 1.78 -6.59 -27.79
N GLY A 26 2.38 -6.71 -28.97
CA GLY A 26 3.69 -7.33 -29.09
C GLY A 26 3.70 -8.83 -29.12
N TYR A 27 2.54 -9.47 -29.33
CA TYR A 27 2.44 -10.92 -29.43
C TYR A 27 1.06 -11.25 -29.99
N SER A 28 0.84 -12.53 -30.29
CA SER A 28 -0.42 -12.98 -30.83
C SER A 28 -1.45 -13.06 -29.70
N PHE A 29 -2.37 -12.10 -29.67
CA PHE A 29 -3.33 -12.00 -28.57
C PHE A 29 -4.22 -13.22 -28.47
N THR A 30 -4.52 -13.87 -29.60
CA THR A 30 -5.41 -15.03 -29.62
C THR A 30 -4.67 -16.34 -29.41
N SER A 31 -3.38 -16.30 -29.05
CA SER A 31 -2.59 -17.50 -28.82
C SER A 31 -2.29 -17.76 -27.35
N TYR A 32 -2.73 -16.90 -26.43
CA TYR A 32 -2.43 -17.05 -25.02
C TYR A 32 -3.65 -16.74 -24.17
N TRP A 33 -3.80 -17.48 -23.09
CA TRP A 33 -4.83 -17.16 -22.09
C TRP A 33 -4.46 -15.88 -21.36
N ILE A 34 -5.48 -15.12 -20.97
CA ILE A 34 -5.33 -13.93 -20.14
C ILE A 34 -6.02 -14.19 -18.81
N GLY A 35 -5.33 -13.89 -17.70
CA GLY A 35 -5.92 -14.04 -16.40
C GLY A 35 -6.19 -12.72 -15.70
N TRP A 36 -7.11 -12.71 -14.74
CA TRP A 36 -7.40 -11.54 -13.92
C TRP A 36 -7.13 -11.87 -12.46
N VAL A 37 -6.56 -10.91 -11.73
CA VAL A 37 -6.08 -11.11 -10.36
C VAL A 37 -6.54 -9.92 -9.52
N ARG A 38 -7.03 -10.19 -8.31
CA ARG A 38 -7.50 -9.16 -7.40
C ARG A 38 -6.51 -8.95 -6.25
N GLN A 39 -6.33 -7.69 -5.86
CA GLN A 39 -5.53 -7.31 -4.70
C GLN A 39 -6.24 -6.18 -3.98
N MET A 40 -7.03 -6.52 -2.96
CA MET A 40 -7.67 -5.56 -2.07
C MET A 40 -6.62 -4.74 -1.31
N PRO A 41 -7.03 -3.64 -0.67
CA PRO A 41 -6.07 -2.79 0.06
C PRO A 41 -5.32 -3.53 1.16
N GLY A 42 -3.99 -3.55 1.04
CA GLY A 42 -3.10 -4.12 2.05
C GLY A 42 -3.04 -5.62 2.10
N LYS A 43 -3.51 -6.33 1.06
CA LYS A 43 -3.64 -7.77 1.07
C LYS A 43 -2.87 -8.38 -0.11
N GLY A 44 -2.91 -9.71 -0.22
CA GLY A 44 -2.15 -10.43 -1.24
C GLY A 44 -2.89 -10.56 -2.57
N LEU A 45 -2.45 -11.55 -3.36
CA LEU A 45 -3.00 -11.77 -4.70
C LEU A 45 -4.02 -12.92 -4.73
N GLU A 46 -5.15 -12.70 -5.44
CA GLU A 46 -6.15 -13.74 -5.66
C GLU A 46 -6.41 -13.91 -7.15
N TRP A 47 -6.44 -15.17 -7.59
CA TRP A 47 -6.79 -15.49 -8.97
C TRP A 47 -8.31 -15.50 -9.16
N MET A 48 -8.77 -14.78 -10.17
CA MET A 48 -10.21 -14.65 -10.46
C MET A 48 -10.66 -15.57 -11.59
N GLY A 49 -9.93 -15.60 -12.70
CA GLY A 49 -10.32 -16.41 -13.83
C GLY A 49 -9.44 -16.14 -15.03
N ILE A 50 -9.71 -16.89 -16.10
CA ILE A 50 -8.94 -16.80 -17.34
C ILE A 50 -9.87 -16.86 -18.54
N ILE A 51 -9.41 -16.30 -19.66
CA ILE A 51 -10.12 -16.35 -20.92
C ILE A 51 -9.12 -16.59 -22.05
N TYR A 52 -9.53 -17.40 -23.03
CA TYR A 52 -8.75 -17.60 -24.24
C TYR A 52 -9.35 -16.73 -25.33
N PRO A 53 -8.65 -15.68 -25.78
CA PRO A 53 -9.30 -14.67 -26.63
C PRO A 53 -9.69 -15.16 -28.02
N ALA A 54 -9.18 -16.30 -28.48
CA ALA A 54 -9.53 -16.77 -29.82
C ALA A 54 -11.00 -17.13 -29.91
N ASP A 55 -11.53 -17.81 -28.89
CA ASP A 55 -12.92 -18.24 -28.88
C ASP A 55 -13.67 -17.85 -27.62
N SER A 56 -13.05 -17.05 -26.73
CA SER A 56 -13.67 -16.59 -25.49
C SER A 56 -14.04 -17.76 -24.56
N ASP A 57 -13.29 -18.85 -24.65
CA ASP A 57 -13.33 -19.90 -23.64
C ASP A 57 -12.89 -19.33 -22.31
N THR A 58 -13.66 -19.61 -21.25
CA THR A 58 -13.39 -19.04 -19.94
C THR A 58 -13.36 -20.11 -18.85
N ARG A 59 -12.59 -19.83 -17.81
CA ARG A 59 -12.64 -20.55 -16.55
C ARG A 59 -12.65 -19.53 -15.41
N TYR A 60 -13.51 -19.74 -14.42
CA TYR A 60 -13.58 -18.88 -13.26
C TYR A 60 -13.19 -19.64 -12.00
N SER A 61 -12.51 -18.95 -11.09
CA SER A 61 -12.34 -19.50 -9.75
C SER A 61 -13.72 -19.65 -9.10
N PRO A 62 -13.93 -20.70 -8.31
CA PRO A 62 -15.25 -20.86 -7.66
C PRO A 62 -15.68 -19.65 -6.85
N SER A 63 -14.74 -18.96 -6.22
CA SER A 63 -15.10 -17.80 -5.41
C SER A 63 -15.64 -16.66 -6.25
N PHE A 64 -15.31 -16.62 -7.54
CA PHE A 64 -15.66 -15.50 -8.39
C PHE A 64 -16.69 -15.84 -9.47
N GLN A 65 -16.99 -17.13 -9.66
CA GLN A 65 -18.04 -17.53 -10.59
C GLN A 65 -19.35 -16.84 -10.25
N GLY A 66 -19.99 -16.26 -11.26
CA GLY A 66 -21.25 -15.58 -11.06
C GLY A 66 -21.17 -14.23 -10.39
N GLN A 67 -19.97 -13.77 -10.01
CA GLN A 67 -19.77 -12.44 -9.47
C GLN A 67 -19.19 -11.47 -10.47
N VAL A 68 -18.48 -11.96 -11.49
CA VAL A 68 -17.88 -11.13 -12.53
C VAL A 68 -18.01 -11.85 -13.85
N THR A 69 -17.85 -11.11 -14.94
CA THR A 69 -17.79 -11.67 -16.28
C THR A 69 -16.49 -11.23 -16.95
N ILE A 70 -15.76 -12.19 -17.50
CA ILE A 70 -14.55 -11.95 -18.27
C ILE A 70 -14.89 -12.10 -19.74
N SER A 71 -14.42 -11.16 -20.56
CA SER A 71 -14.72 -11.17 -21.99
C SER A 71 -13.52 -10.64 -22.76
N ALA A 72 -13.64 -10.65 -24.10
CA ALA A 72 -12.56 -10.21 -24.97
C ALA A 72 -13.13 -9.74 -26.29
N ASP A 73 -12.47 -8.73 -26.86
CA ASP A 73 -12.70 -8.29 -28.24
C ASP A 73 -11.36 -8.52 -28.97
N LYS A 74 -11.25 -9.68 -29.60
CA LYS A 74 -9.99 -10.06 -30.24
C LYS A 74 -9.62 -9.13 -31.39
N SER A 75 -10.60 -8.47 -32.00
CA SER A 75 -10.30 -7.57 -33.11
C SER A 75 -9.47 -6.36 -32.68
N ILE A 76 -9.49 -5.99 -31.40
CA ILE A 76 -8.69 -4.88 -30.91
C ILE A 76 -7.79 -5.31 -29.76
N ASN A 77 -7.50 -6.61 -29.65
CA ASN A 77 -6.48 -7.14 -28.74
C ASN A 77 -6.77 -6.75 -27.28
N THR A 78 -8.04 -6.81 -26.88
CA THR A 78 -8.44 -6.31 -25.57
C THR A 78 -9.28 -7.35 -24.83
N ALA A 79 -8.98 -7.53 -23.55
CA ALA A 79 -9.79 -8.32 -22.64
C ALA A 79 -10.44 -7.41 -21.61
N TYR A 80 -11.56 -7.89 -21.04
CA TYR A 80 -12.36 -7.08 -20.14
C TYR A 80 -12.77 -7.87 -18.90
N LEU A 81 -13.02 -7.15 -17.82
CA LEU A 81 -13.55 -7.67 -16.57
C LEU A 81 -14.71 -6.78 -16.15
N GLN A 82 -15.86 -7.39 -15.81
CA GLN A 82 -17.07 -6.61 -15.61
C GLN A 82 -17.84 -7.07 -14.38
N TRP A 83 -18.48 -6.10 -13.71
CA TRP A 83 -19.45 -6.32 -12.65
C TRP A 83 -20.78 -5.71 -13.06
N SER A 84 -21.88 -6.41 -12.75
CA SER A 84 -23.19 -5.82 -13.03
C SER A 84 -23.64 -4.92 -11.88
N SER A 85 -23.28 -5.25 -10.64
CA SER A 85 -23.70 -4.49 -9.47
C SER A 85 -22.57 -4.51 -8.44
N LEU A 86 -21.85 -3.40 -8.34
CA LEU A 86 -20.67 -3.33 -7.48
C LEU A 86 -21.04 -3.25 -6.00
N LYS A 87 -20.13 -3.74 -5.17
CA LYS A 87 -20.19 -3.58 -3.73
C LYS A 87 -18.93 -2.87 -3.25
N ALA A 88 -19.04 -2.21 -2.09
CA ALA A 88 -17.88 -1.56 -1.51
C ALA A 88 -16.72 -2.52 -1.32
N SER A 89 -17.02 -3.80 -1.07
CA SER A 89 -15.99 -4.81 -0.90
C SER A 89 -15.25 -5.15 -2.18
N ASP A 90 -15.72 -4.67 -3.33
CA ASP A 90 -14.97 -4.83 -4.57
C ASP A 90 -13.82 -3.83 -4.71
N THR A 91 -13.67 -2.92 -3.75
CA THR A 91 -12.57 -1.97 -3.78
C THR A 91 -11.24 -2.72 -3.70
N ALA A 92 -10.43 -2.59 -4.76
CA ALA A 92 -9.18 -3.35 -4.85
C ALA A 92 -8.42 -2.87 -6.07
N MET A 93 -7.18 -3.36 -6.19
CA MET A 93 -6.40 -3.27 -7.41
C MET A 93 -6.67 -4.53 -8.24
N TYR A 94 -6.85 -4.37 -9.54
CA TYR A 94 -7.12 -5.50 -10.43
C TYR A 94 -6.06 -5.55 -11.50
N TYR A 95 -5.42 -6.71 -11.64
CA TYR A 95 -4.39 -6.95 -12.63
C TYR A 95 -4.89 -7.93 -13.69
N CYS A 96 -4.47 -7.70 -14.92
CA CYS A 96 -4.51 -8.73 -15.95
C CYS A 96 -3.10 -9.25 -16.18
N ALA A 97 -3.00 -10.49 -16.62
CA ALA A 97 -1.69 -11.10 -16.80
C ALA A 97 -1.79 -12.20 -17.86
N ARG A 98 -0.70 -12.36 -18.61
CA ARG A 98 -0.64 -13.40 -19.64
C ARG A 98 -0.18 -14.71 -19.03
N LEU A 99 -0.90 -15.78 -19.34
CA LEU A 99 -0.51 -17.14 -18.95
C LEU A 99 0.41 -17.70 -20.02
N ARG A 100 1.63 -18.05 -19.63
CA ARG A 100 2.57 -18.70 -20.56
C ARG A 100 2.34 -20.20 -20.47
N MET A 101 1.28 -20.64 -21.13
CA MET A 101 0.87 -22.05 -21.14
C MET A 101 0.54 -22.46 -22.56
N ILE A 102 1.16 -23.54 -23.03
CA ILE A 102 0.82 -24.16 -24.30
C ILE A 102 0.06 -25.44 -23.99
N GLY A 103 -1.02 -25.69 -24.74
CA GLY A 103 -1.86 -26.84 -24.42
C GLY A 103 -2.58 -26.62 -23.11
N PHE A 104 -2.59 -27.66 -22.27
CA PHE A 104 -3.15 -27.58 -20.93
C PHE A 104 -2.07 -27.89 -19.91
N ASP A 105 -1.86 -26.95 -18.98
CA ASP A 105 -0.72 -26.91 -18.08
C ASP A 105 0.60 -27.06 -18.82
N LYS A 106 1.38 -28.07 -18.44
CA LYS A 106 2.80 -28.21 -18.74
C LYS A 106 3.63 -27.18 -17.97
N ASN A 107 3.01 -26.07 -17.53
CA ASN A 107 3.69 -25.08 -16.71
C ASN A 107 2.73 -24.05 -16.14
N ALA A 108 2.45 -23.00 -16.92
CA ALA A 108 1.45 -21.94 -16.71
C ALA A 108 1.80 -20.90 -15.64
N PRO A 109 2.99 -20.30 -15.65
CA PRO A 109 3.17 -19.07 -14.87
C PRO A 109 2.57 -17.89 -15.60
N LEU A 110 2.42 -16.78 -14.86
CA LEU A 110 1.94 -15.53 -15.43
C LEU A 110 3.17 -14.67 -15.73
N ASP A 111 3.54 -14.58 -17.01
CA ASP A 111 4.86 -14.02 -17.33
C ASP A 111 4.83 -12.54 -17.64
N TYR A 112 3.73 -11.99 -18.15
CA TYR A 112 3.62 -10.55 -18.35
C TYR A 112 2.37 -10.02 -17.66
N TRP A 113 2.50 -8.88 -17.00
CA TRP A 113 1.45 -8.30 -16.18
C TRP A 113 1.12 -6.88 -16.63
N GLY A 114 -0.16 -6.54 -16.59
CA GLY A 114 -0.56 -5.15 -16.73
C GLY A 114 -0.18 -4.36 -15.50
N GLN A 115 -0.30 -3.04 -15.61
CA GLN A 115 0.12 -2.17 -14.52
C GLN A 115 -0.94 -2.05 -13.42
N GLY A 116 -2.11 -2.62 -13.60
CA GLY A 116 -3.14 -2.61 -12.57
C GLY A 116 -4.14 -1.48 -12.75
N THR A 117 -5.38 -1.75 -12.35
CA THR A 117 -6.43 -0.76 -12.34
C THR A 117 -6.97 -0.63 -10.92
N LEU A 118 -6.90 0.58 -10.36
CA LEU A 118 -7.49 0.83 -9.05
C LEU A 118 -8.99 1.04 -9.19
N VAL A 119 -9.76 0.29 -8.41
CA VAL A 119 -11.21 0.43 -8.37
C VAL A 119 -11.61 0.79 -6.95
N THR A 120 -12.26 1.94 -6.79
CA THR A 120 -12.80 2.37 -5.50
C THR A 120 -14.32 2.35 -5.60
N VAL A 121 -14.97 1.63 -4.69
CA VAL A 121 -16.42 1.56 -4.61
C VAL A 121 -16.83 2.08 -3.24
N SER A 122 -17.64 3.14 -3.23
CA SER A 122 -18.02 3.75 -1.97
C SER A 122 -19.30 4.56 -2.14
N SER A 123 -20.06 4.66 -1.06
CA SER A 123 -21.22 5.54 -1.02
C SER A 123 -20.81 7.01 -0.89
N ALA A 124 -19.54 7.28 -0.58
CA ALA A 124 -19.07 8.64 -0.42
C ALA A 124 -19.12 9.38 -1.77
N SER A 125 -19.13 10.70 -1.68
CA SER A 125 -19.19 11.56 -2.86
C SER A 125 -17.98 12.48 -2.89
N THR A 126 -17.69 12.98 -4.09
CA THR A 126 -16.53 13.83 -4.31
C THR A 126 -16.52 15.01 -3.35
N LYS A 127 -15.36 15.24 -2.72
CA LYS A 127 -15.21 16.32 -1.76
C LYS A 127 -13.75 16.70 -1.66
N GLY A 128 -13.46 17.99 -1.73
CA GLY A 128 -12.12 18.49 -1.58
C GLY A 128 -11.69 18.57 -0.14
N PRO A 129 -10.38 18.54 0.10
CA PRO A 129 -9.90 18.50 1.49
C PRO A 129 -9.87 19.87 2.14
N SER A 130 -9.96 19.85 3.47
CA SER A 130 -9.54 20.98 4.29
C SER A 130 -8.09 20.75 4.68
N VAL A 131 -7.31 21.83 4.66
CA VAL A 131 -5.88 21.75 4.97
C VAL A 131 -5.62 22.57 6.22
N PHE A 132 -5.17 21.90 7.28
CA PHE A 132 -4.92 22.52 8.57
C PHE A 132 -3.44 22.45 8.91
N PRO A 133 -2.92 23.44 9.63
CA PRO A 133 -1.48 23.45 9.93
C PRO A 133 -1.11 22.53 11.07
N LEU A 134 0.08 21.96 10.95
CA LEU A 134 0.77 21.27 12.04
C LEU A 134 1.95 22.17 12.38
N ALA A 135 1.72 23.10 13.33
CA ALA A 135 2.66 24.20 13.53
C ALA A 135 3.86 23.74 14.35
N PRO A 136 5.06 24.22 14.00
CA PRO A 136 6.26 23.79 14.74
C PRO A 136 6.28 24.36 16.15
N SER A 137 6.82 23.58 17.08
CA SER A 137 6.90 23.94 18.49
C SER A 137 5.51 24.19 19.08
N GLY A 144 18.15 22.84 17.47
CA GLY A 144 18.29 21.56 16.79
C GLY A 144 17.38 21.38 15.60
N THR A 145 16.44 20.44 15.72
CA THR A 145 15.59 20.02 14.61
C THR A 145 14.13 20.17 15.00
N ALA A 146 13.37 20.87 14.17
CA ALA A 146 11.94 21.04 14.38
C ALA A 146 11.15 20.31 13.30
N ALA A 147 9.88 20.02 13.61
CA ALA A 147 8.97 19.36 12.69
C ALA A 147 7.72 20.20 12.50
N LEU A 148 7.21 20.21 11.27
CA LEU A 148 5.99 20.93 10.93
C LEU A 148 5.32 20.16 9.80
N GLY A 149 4.09 20.55 9.48
CA GLY A 149 3.42 19.87 8.40
C GLY A 149 2.04 20.41 8.13
N CYS A 150 1.29 19.65 7.34
CA CYS A 150 -0.08 19.97 6.96
C CYS A 150 -0.94 18.74 7.14
N LEU A 151 -2.12 18.94 7.72
CA LEU A 151 -3.13 17.89 7.85
C LEU A 151 -4.15 18.09 6.73
N VAL A 152 -4.23 17.13 5.83
CA VAL A 152 -5.10 17.19 4.66
C VAL A 152 -6.29 16.29 4.95
N LYS A 153 -7.41 16.89 5.38
CA LYS A 153 -8.48 16.14 6.01
C LYS A 153 -9.79 16.17 5.23
N ASP A 154 -10.47 15.02 5.23
CA ASP A 154 -11.86 14.88 4.78
C ASP A 154 -12.02 15.08 3.28
N TYR A 155 -11.35 14.24 2.48
CA TYR A 155 -11.48 14.30 1.03
C TYR A 155 -11.89 12.94 0.47
N PHE A 156 -12.44 12.98 -0.74
CA PHE A 156 -12.80 11.79 -1.50
C PHE A 156 -12.90 12.13 -2.98
N PRO A 157 -12.37 11.26 -3.85
CA PRO A 157 -11.61 10.04 -3.58
C PRO A 157 -10.11 10.29 -3.56
N GLU A 158 -9.32 9.22 -3.48
CA GLU A 158 -7.90 9.30 -3.74
C GLU A 158 -7.71 9.65 -5.22
N PRO A 159 -6.57 10.29 -5.57
CA PRO A 159 -5.47 10.72 -4.73
C PRO A 159 -5.36 12.23 -4.49
N VAL A 160 -4.51 12.57 -3.53
CA VAL A 160 -4.07 13.94 -3.29
C VAL A 160 -2.56 13.97 -3.52
N THR A 161 -2.08 15.06 -4.09
CA THR A 161 -0.64 15.29 -4.21
C THR A 161 -0.24 16.48 -3.34
N VAL A 162 0.87 16.32 -2.62
CA VAL A 162 1.39 17.35 -1.72
C VAL A 162 2.83 17.62 -2.11
N SER A 163 3.18 18.90 -2.20
CA SER A 163 4.56 19.33 -2.30
C SER A 163 4.81 20.43 -1.28
N TRP A 164 6.08 20.77 -1.10
CA TRP A 164 6.49 21.82 -0.17
C TRP A 164 7.30 22.87 -0.92
N ASN A 165 6.95 24.13 -0.69
CA ASN A 165 7.59 25.27 -1.37
C ASN A 165 7.66 25.04 -2.88
N SER A 166 6.54 24.56 -3.44
CA SER A 166 6.39 24.37 -4.88
C SER A 166 7.42 23.42 -5.46
N GLY A 167 7.88 22.46 -4.66
CA GLY A 167 8.84 21.48 -5.08
C GLY A 167 10.28 21.80 -4.71
N ALA A 168 10.55 23.00 -4.19
CA ALA A 168 11.91 23.36 -3.83
C ALA A 168 12.38 22.67 -2.55
N LEU A 169 11.46 22.20 -1.70
CA LEU A 169 11.80 21.56 -0.44
C LEU A 169 11.39 20.09 -0.53
N THR A 170 12.40 19.20 -0.55
CA THR A 170 12.14 17.77 -0.66
C THR A 170 12.82 16.98 0.45
N SER A 171 13.99 17.44 0.90
CA SER A 171 14.73 16.72 1.93
C SER A 171 13.97 16.72 3.25
N GLY A 172 13.82 15.54 3.84
CA GLY A 172 13.14 15.41 5.11
C GLY A 172 11.63 15.41 5.06
N VAL A 173 11.05 15.39 3.86
CA VAL A 173 9.60 15.37 3.72
C VAL A 173 9.09 13.94 3.85
N HIS A 174 8.04 13.74 4.64
CA HIS A 174 7.30 12.49 4.68
C HIS A 174 5.83 12.80 4.43
N THR A 175 5.30 12.31 3.30
CA THR A 175 3.88 12.38 3.03
C THR A 175 3.29 10.99 3.22
N PHE A 176 2.44 10.85 4.22
CA PHE A 176 2.00 9.56 4.71
C PHE A 176 0.88 8.99 3.84
N PRO A 177 0.75 7.66 3.81
CA PRO A 177 -0.44 7.06 3.20
C PRO A 177 -1.70 7.57 3.88
N ALA A 178 -2.74 7.77 3.09
CA ALA A 178 -3.99 8.24 3.66
C ALA A 178 -4.64 7.14 4.49
N VAL A 179 -5.44 7.56 5.46
CA VAL A 179 -6.29 6.65 6.21
C VAL A 179 -7.73 6.91 5.77
N LEU A 180 -8.53 5.84 5.75
CA LEU A 180 -9.95 5.94 5.44
C LEU A 180 -10.72 6.02 6.76
N GLN A 181 -11.37 7.16 6.99
CA GLN A 181 -12.12 7.37 8.21
C GLN A 181 -13.48 6.69 8.12
N SER A 182 -14.12 6.51 9.28
CA SER A 182 -15.43 5.88 9.31
C SER A 182 -16.49 6.69 8.58
N SER A 183 -16.25 8.00 8.40
CA SER A 183 -17.16 8.82 7.63
C SER A 183 -17.14 8.47 6.15
N GLY A 184 -16.17 7.68 5.70
CA GLY A 184 -15.98 7.41 4.30
C GLY A 184 -15.04 8.36 3.59
N LEU A 185 -14.53 9.37 4.29
CA LEU A 185 -13.60 10.33 3.72
C LEU A 185 -12.18 9.99 4.15
N TYR A 186 -11.23 10.35 3.28
CA TYR A 186 -9.82 10.11 3.56
C TYR A 186 -9.19 11.29 4.29
N SER A 187 -8.05 11.02 4.90
CA SER A 187 -7.26 12.04 5.57
C SER A 187 -5.80 11.62 5.52
N LEU A 188 -4.91 12.56 5.26
CA LEU A 188 -3.48 12.28 5.31
C LEU A 188 -2.76 13.49 5.92
N SER A 189 -1.53 13.23 6.35
CA SER A 189 -0.63 14.26 6.84
C SER A 189 0.66 14.23 6.02
N SER A 190 1.26 15.41 5.87
CA SER A 190 2.56 15.55 5.25
C SER A 190 3.41 16.42 6.17
N VAL A 191 4.59 15.92 6.54
CA VAL A 191 5.45 16.59 7.49
C VAL A 191 6.83 16.79 6.87
N VAL A 192 7.60 17.68 7.51
CA VAL A 192 8.99 17.91 7.14
C VAL A 192 9.72 18.35 8.39
N THR A 193 10.97 17.90 8.53
CA THR A 193 11.84 18.34 9.60
C THR A 193 12.87 19.30 9.03
N VAL A 194 13.13 20.38 9.77
CA VAL A 194 13.99 21.47 9.33
C VAL A 194 14.81 21.95 10.51
N PRO A 195 15.91 22.67 10.25
CA PRO A 195 16.67 23.26 11.37
C PRO A 195 15.81 24.22 12.17
N SER A 196 15.87 24.09 13.49
CA SER A 196 15.15 25.01 14.37
C SER A 196 15.51 26.46 14.07
N SER A 197 16.73 26.70 13.60
CA SER A 197 17.19 28.07 13.35
C SER A 197 16.44 28.71 12.19
N SER A 198 15.89 27.90 11.28
CA SER A 198 15.25 28.43 10.08
C SER A 198 13.82 28.91 10.31
N LEU A 199 13.22 28.60 11.46
CA LEU A 199 11.80 28.86 11.67
C LEU A 199 11.46 30.34 11.55
N GLY A 200 12.37 31.23 11.95
CA GLY A 200 12.07 32.64 11.91
C GLY A 200 12.19 33.25 10.53
N THR A 201 13.06 32.69 9.69
CA THR A 201 13.45 33.31 8.44
C THR A 201 12.95 32.58 7.19
N GLN A 202 12.79 31.26 7.23
CA GLN A 202 12.44 30.49 6.06
C GLN A 202 10.93 30.27 6.02
N THR A 203 10.32 30.51 4.87
CA THR A 203 8.89 30.31 4.68
C THR A 203 8.63 28.86 4.27
N TYR A 204 7.58 28.27 4.86
CA TYR A 204 7.20 26.89 4.57
C TYR A 204 5.74 26.86 4.16
N ILE A 205 5.48 26.42 2.93
CA ILE A 205 4.14 26.36 2.37
C ILE A 205 3.93 24.98 1.78
N CYS A 206 2.85 24.32 2.18
CA CYS A 206 2.47 23.04 1.57
C CYS A 206 1.47 23.30 0.45
N ASN A 207 1.71 22.68 -0.70
CA ASN A 207 0.86 22.82 -1.87
C ASN A 207 0.07 21.53 -2.04
N VAL A 208 -1.25 21.63 -2.00
CA VAL A 208 -2.13 20.46 -1.99
C VAL A 208 -3.06 20.54 -3.20
N ASN A 209 -3.06 19.48 -4.01
CA ASN A 209 -3.90 19.39 -5.19
C ASN A 209 -4.77 18.14 -5.10
N HIS A 210 -6.07 18.31 -5.32
CA HIS A 210 -7.04 17.21 -5.35
C HIS A 210 -7.83 17.35 -6.65
N LYS A 211 -7.35 16.71 -7.70
CA LYS A 211 -7.96 16.89 -9.02
C LYS A 211 -9.43 16.48 -9.10
N PRO A 212 -9.89 15.39 -8.49
CA PRO A 212 -11.32 15.04 -8.61
C PRO A 212 -12.27 16.16 -8.20
N SER A 213 -11.87 17.00 -7.25
CA SER A 213 -12.73 18.08 -6.76
C SER A 213 -12.31 19.44 -7.29
N ASN A 214 -11.32 19.50 -8.18
CA ASN A 214 -10.79 20.76 -8.70
C ASN A 214 -10.30 21.66 -7.57
N THR A 215 -9.60 21.07 -6.60
CA THR A 215 -9.14 21.79 -5.42
C THR A 215 -7.63 21.98 -5.48
N LYS A 216 -7.19 23.23 -5.32
CA LYS A 216 -5.79 23.59 -5.18
C LYS A 216 -5.67 24.47 -3.94
N VAL A 217 -4.74 24.13 -3.05
CA VAL A 217 -4.56 24.86 -1.80
C VAL A 217 -3.07 25.10 -1.55
N ASP A 218 -2.73 26.32 -1.16
CA ASP A 218 -1.41 26.67 -0.64
C ASP A 218 -1.58 27.09 0.81
N LYS A 219 -0.91 26.40 1.73
CA LYS A 219 -1.05 26.65 3.17
C LYS A 219 0.32 26.99 3.76
N LYS A 220 0.48 28.22 4.22
CA LYS A 220 1.69 28.61 4.94
C LYS A 220 1.60 28.13 6.38
N VAL A 221 2.68 27.53 6.86
CA VAL A 221 2.75 26.97 8.21
C VAL A 221 3.91 27.64 8.94
N GLU A 222 3.65 28.14 10.14
CA GLU A 222 4.65 28.90 10.88
C GLU A 222 4.43 28.68 12.36
N PRO A 223 5.41 28.98 13.21
CA PRO A 223 5.22 28.85 14.66
C PRO A 223 4.05 29.69 15.15
N LYS A 224 3.39 29.21 16.19
CA LYS A 224 2.25 29.91 16.76
C LYS A 224 2.65 30.60 18.06
N ASP B 1 -8.89 -25.60 -3.55
CA ASP B 1 -8.69 -26.98 -3.11
C ASP B 1 -7.23 -27.24 -2.74
N ILE B 2 -6.38 -26.23 -2.91
CA ILE B 2 -4.97 -26.31 -2.52
C ILE B 2 -4.59 -24.99 -1.87
N GLN B 3 -4.32 -25.03 -0.56
CA GLN B 3 -4.00 -23.84 0.21
C GLN B 3 -2.48 -23.69 0.32
N MET B 4 -1.97 -22.49 0.05
CA MET B 4 -0.55 -22.21 0.11
C MET B 4 -0.25 -21.40 1.36
N THR B 5 0.77 -21.81 2.12
CA THR B 5 1.17 -21.15 3.35
C THR B 5 2.63 -20.73 3.23
N GLN B 6 2.87 -19.42 3.25
CA GLN B 6 4.22 -18.87 3.24
C GLN B 6 4.66 -18.57 4.66
N SER B 7 5.91 -18.88 4.97
CA SER B 7 6.26 -19.11 6.38
C SER B 7 6.64 -17.82 7.11
N PRO B 8 7.77 -17.16 6.85
CA PRO B 8 7.98 -15.88 7.53
C PRO B 8 7.13 -14.81 6.87
N SER B 9 6.23 -14.20 7.64
CA SER B 9 5.47 -13.09 7.09
C SER B 9 6.40 -11.94 6.72
N SER B 10 7.47 -11.75 7.48
CA SER B 10 8.42 -10.67 7.23
C SER B 10 9.82 -11.15 7.55
N LEU B 11 10.78 -10.64 6.79
CA LEU B 11 12.19 -10.95 6.95
C LEU B 11 13.00 -9.67 6.94
N SER B 12 13.90 -9.52 7.90
CA SER B 12 14.83 -8.41 7.96
C SER B 12 16.22 -8.93 7.62
N ALA B 13 16.85 -8.33 6.61
CA ALA B 13 18.18 -8.73 6.21
C ALA B 13 18.91 -7.53 5.63
N SER B 14 20.23 -7.64 5.57
CA SER B 14 21.10 -6.61 5.03
C SER B 14 21.57 -7.00 3.64
N VAL B 15 21.99 -5.98 2.88
CA VAL B 15 22.65 -6.23 1.60
C VAL B 15 23.80 -7.19 1.82
N GLY B 16 23.86 -8.23 0.99
CA GLY B 16 24.88 -9.25 1.09
C GLY B 16 24.47 -10.50 1.85
N ASP B 17 23.33 -10.49 2.52
CA ASP B 17 22.87 -11.66 3.27
C ASP B 17 22.24 -12.70 2.36
N ARG B 18 22.19 -13.93 2.86
CA ARG B 18 21.46 -15.01 2.23
C ARG B 18 20.07 -15.07 2.84
N VAL B 19 19.06 -15.16 1.98
CA VAL B 19 17.65 -15.15 2.40
C VAL B 19 16.96 -16.39 1.84
N THR B 20 16.17 -17.05 2.67
CA THR B 20 15.38 -18.20 2.25
C THR B 20 13.94 -18.03 2.69
N ILE B 21 13.02 -18.11 1.73
CA ILE B 21 11.59 -17.98 1.96
C ILE B 21 10.94 -19.33 1.66
N THR B 22 9.94 -19.71 2.45
CA THR B 22 9.35 -21.03 2.40
C THR B 22 7.87 -20.95 2.02
N CYS B 23 7.41 -21.98 1.32
CA CYS B 23 6.04 -22.05 0.81
C CYS B 23 5.59 -23.51 0.87
N ARG B 24 4.50 -23.78 1.59
CA ARG B 24 4.00 -25.13 1.77
C ARG B 24 2.59 -25.24 1.20
N ALA B 25 2.32 -26.34 0.51
CA ALA B 25 1.02 -26.59 -0.09
C ALA B 25 0.26 -27.63 0.71
N SER B 26 -1.05 -27.46 0.81
CA SER B 26 -1.90 -28.41 1.52
C SER B 26 -2.08 -29.71 0.75
N GLN B 27 -1.76 -29.73 -0.54
CA GLN B 27 -1.83 -30.91 -1.37
C GLN B 27 -0.60 -30.94 -2.26
N SER B 28 -0.25 -32.13 -2.74
CA SER B 28 0.91 -32.23 -3.63
C SER B 28 0.66 -31.49 -4.93
N ILE B 29 1.65 -30.74 -5.38
CA ILE B 29 1.53 -29.94 -6.58
C ILE B 29 2.70 -30.22 -7.52
N SER B 30 3.37 -31.35 -7.30
CA SER B 30 4.52 -31.79 -8.10
C SER B 30 5.55 -30.65 -8.09
N SER B 31 5.93 -30.09 -9.24
CA SER B 31 6.87 -28.98 -9.29
C SER B 31 6.21 -27.69 -9.80
N TYR B 32 4.88 -27.63 -9.77
CA TYR B 32 4.14 -26.56 -10.44
C TYR B 32 3.94 -25.39 -9.48
N LEU B 33 5.06 -24.77 -9.13
CA LEU B 33 5.07 -23.63 -8.21
C LEU B 33 5.90 -22.50 -8.78
N ASN B 34 5.34 -21.30 -8.77
CA ASN B 34 5.95 -20.10 -9.34
C ASN B 34 6.15 -19.06 -8.25
N TRP B 35 7.14 -18.19 -8.44
CA TRP B 35 7.48 -17.14 -7.49
C TRP B 35 7.43 -15.78 -8.16
N TYR B 36 6.85 -14.79 -7.49
CA TYR B 36 6.71 -13.44 -8.00
C TYR B 36 7.25 -12.43 -7.00
N GLN B 37 7.75 -11.32 -7.53
CA GLN B 37 8.23 -10.20 -6.75
C GLN B 37 7.31 -9.00 -6.98
N GLN B 38 6.94 -8.31 -5.91
CA GLN B 38 6.13 -7.10 -6.02
C GLN B 38 6.65 -6.04 -5.08
N LYS B 39 6.84 -4.84 -5.61
CA LYS B 39 7.17 -3.66 -4.82
C LYS B 39 5.93 -2.80 -4.62
N PRO B 40 5.92 -1.97 -3.58
CA PRO B 40 4.68 -1.24 -3.23
C PRO B 40 4.13 -0.43 -4.40
N GLY B 41 2.85 -0.67 -4.70
CA GLY B 41 2.17 0.01 -5.78
C GLY B 41 2.51 -0.47 -7.17
N LYS B 42 3.48 -1.37 -7.31
CA LYS B 42 4.00 -1.79 -8.60
C LYS B 42 3.45 -3.16 -9.00
N THR B 43 3.64 -3.50 -10.27
CA THR B 43 3.04 -4.74 -10.77
C THR B 43 3.92 -5.93 -10.43
N PRO B 44 3.33 -7.10 -10.16
CA PRO B 44 4.14 -8.28 -9.84
C PRO B 44 5.00 -8.70 -11.02
N LYS B 45 6.10 -9.38 -10.70
CA LYS B 45 7.12 -9.76 -11.68
C LYS B 45 7.52 -11.21 -11.46
N LEU B 46 7.49 -11.99 -12.54
CA LEU B 46 7.81 -13.42 -12.45
C LEU B 46 9.31 -13.62 -12.30
N LEU B 47 9.71 -14.41 -11.31
CA LEU B 47 11.11 -14.71 -11.02
C LEU B 47 11.47 -16.15 -11.30
N ILE B 48 10.69 -17.08 -10.77
CA ILE B 48 10.94 -18.52 -10.87
C ILE B 48 9.65 -19.20 -11.30
N TYR B 49 9.77 -20.16 -12.20
CA TYR B 49 8.63 -20.99 -12.57
C TYR B 49 9.03 -22.46 -12.49
N ALA B 50 8.03 -23.31 -12.33
CA ALA B 50 8.23 -24.76 -12.20
C ALA B 50 9.24 -25.07 -11.10
N ALA B 51 9.08 -24.39 -9.96
CA ALA B 51 9.82 -24.62 -8.72
C ALA B 51 11.26 -24.16 -8.78
N SER B 52 11.96 -24.36 -9.90
CA SER B 52 13.40 -24.11 -9.92
C SER B 52 13.92 -23.43 -11.18
N SER B 53 13.08 -23.15 -12.17
CA SER B 53 13.54 -22.57 -13.42
C SER B 53 13.56 -21.05 -13.32
N LEU B 54 14.71 -20.46 -13.69
CA LEU B 54 14.90 -19.03 -13.57
C LEU B 54 14.34 -18.32 -14.81
N GLN B 55 13.44 -17.36 -14.58
CA GLN B 55 12.89 -16.59 -15.69
C GLN B 55 13.98 -15.79 -16.39
N SER B 56 13.89 -15.69 -17.71
CA SER B 56 14.89 -14.97 -18.50
C SER B 56 15.03 -13.55 -18.00
N GLY B 57 16.27 -13.12 -17.80
CA GLY B 57 16.57 -11.78 -17.33
C GLY B 57 16.63 -11.62 -15.83
N VAL B 58 16.25 -12.63 -15.06
CA VAL B 58 16.31 -12.57 -13.60
C VAL B 58 17.73 -12.93 -13.17
N PRO B 59 18.35 -12.17 -12.26
CA PRO B 59 19.74 -12.46 -11.89
C PRO B 59 19.87 -13.83 -11.23
N SER B 60 21.06 -14.42 -11.39
CA SER B 60 21.29 -15.79 -10.95
C SER B 60 21.38 -15.95 -9.45
N ARG B 61 21.36 -14.85 -8.68
CA ARG B 61 21.32 -14.99 -7.23
C ARG B 61 19.97 -15.50 -6.73
N PHE B 62 18.96 -15.52 -7.59
CA PHE B 62 17.66 -16.10 -7.28
C PHE B 62 17.65 -17.57 -7.67
N SER B 63 17.21 -18.43 -6.74
CA SER B 63 17.05 -19.84 -7.03
C SER B 63 15.87 -20.38 -6.26
N GLY B 64 15.38 -21.53 -6.68
CA GLY B 64 14.27 -22.18 -6.02
C GLY B 64 14.46 -23.68 -6.03
N SER B 65 13.84 -24.34 -5.05
CA SER B 65 13.96 -25.78 -4.92
C SER B 65 12.72 -26.33 -4.24
N GLY B 66 12.45 -27.61 -4.50
CA GLY B 66 11.34 -28.27 -3.86
C GLY B 66 10.42 -29.01 -4.82
N SER B 67 9.72 -30.02 -4.29
CA SER B 67 8.74 -30.77 -5.04
C SER B 67 7.73 -31.35 -4.05
N GLY B 68 6.51 -31.56 -4.52
CA GLY B 68 5.47 -32.09 -3.66
C GLY B 68 4.71 -31.01 -2.92
N THR B 69 5.03 -30.81 -1.64
CA THR B 69 4.35 -29.81 -0.83
C THR B 69 5.25 -28.75 -0.23
N ASP B 70 6.57 -28.94 -0.21
CA ASP B 70 7.49 -28.00 0.43
C ASP B 70 8.41 -27.37 -0.60
N PHE B 71 8.49 -26.04 -0.58
CA PHE B 71 9.24 -25.29 -1.57
C PHE B 71 9.95 -24.12 -0.91
N THR B 72 11.10 -23.75 -1.47
CA THR B 72 11.86 -22.61 -0.98
C THR B 72 12.30 -21.73 -2.14
N LEU B 73 12.40 -20.44 -1.85
CA LEU B 73 13.03 -19.46 -2.73
C LEU B 73 14.23 -18.88 -1.99
N THR B 74 15.38 -18.88 -2.64
CA THR B 74 16.61 -18.42 -2.02
C THR B 74 17.21 -17.27 -2.82
N ILE B 75 17.60 -16.21 -2.10
CA ILE B 75 18.42 -15.14 -2.63
C ILE B 75 19.80 -15.27 -1.97
N SER B 76 20.81 -15.56 -2.77
CA SER B 76 22.12 -15.91 -2.23
C SER B 76 22.87 -14.71 -1.64
N SER B 77 22.65 -13.52 -2.19
CA SER B 77 23.33 -12.32 -1.70
C SER B 77 22.45 -11.13 -2.05
N LEU B 78 21.69 -10.65 -1.07
CA LEU B 78 20.71 -9.60 -1.31
C LEU B 78 21.36 -8.35 -1.90
N GLN B 79 20.72 -7.78 -2.90
CA GLN B 79 21.04 -6.48 -3.44
C GLN B 79 19.96 -5.48 -3.04
N PRO B 80 20.26 -4.17 -3.08
CA PRO B 80 19.25 -3.19 -2.68
C PRO B 80 17.94 -3.29 -3.45
N GLU B 81 18.00 -3.68 -4.73
CA GLU B 81 16.81 -3.79 -5.55
C GLU B 81 15.96 -5.02 -5.22
N ASP B 82 16.41 -5.88 -4.30
CA ASP B 82 15.70 -7.11 -3.99
C ASP B 82 14.72 -6.97 -2.84
N PHE B 83 14.72 -5.84 -2.14
CA PHE B 83 13.79 -5.67 -1.02
C PHE B 83 12.41 -5.37 -1.58
N ALA B 84 11.45 -6.21 -1.20
CA ALA B 84 10.15 -6.30 -1.84
C ALA B 84 9.35 -7.37 -1.11
N THR B 85 8.13 -7.62 -1.60
CA THR B 85 7.30 -8.71 -1.12
C THR B 85 7.30 -9.82 -2.17
N TYR B 86 7.38 -11.06 -1.70
CA TYR B 86 7.49 -12.23 -2.58
C TYR B 86 6.30 -13.14 -2.38
N TYR B 87 5.73 -13.62 -3.48
CA TYR B 87 4.57 -14.50 -3.47
C TYR B 87 4.89 -15.79 -4.21
N CYS B 88 4.54 -16.92 -3.60
CA CYS B 88 4.48 -18.17 -4.34
C CYS B 88 3.07 -18.39 -4.87
N GLN B 89 2.97 -19.27 -5.86
CA GLN B 89 1.70 -19.49 -6.55
C GLN B 89 1.72 -20.88 -7.16
N GLN B 90 0.76 -21.72 -6.78
CA GLN B 90 0.64 -23.05 -7.37
C GLN B 90 -0.23 -23.00 -8.60
N SER B 91 0.20 -23.72 -9.64
CA SER B 91 -0.54 -23.86 -10.89
C SER B 91 -0.98 -25.29 -11.13
N TYR B 92 -0.94 -26.12 -10.08
CA TYR B 92 -1.27 -27.53 -10.22
C TYR B 92 -2.78 -27.76 -10.17
N SER B 93 -3.49 -26.97 -9.37
CA SER B 93 -4.93 -27.18 -9.19
C SER B 93 -5.68 -27.01 -10.48
N ASN B 94 -6.63 -27.92 -10.72
CA ASN B 94 -7.57 -27.80 -11.83
C ASN B 94 -8.90 -27.22 -11.38
N LEU B 95 -8.96 -26.67 -10.17
CA LEU B 95 -10.11 -25.91 -9.70
C LEU B 95 -9.80 -24.43 -9.62
N MET B 96 -8.70 -24.06 -8.95
CA MET B 96 -8.30 -22.66 -8.86
C MET B 96 -6.82 -22.57 -8.57
N TYR B 97 -6.10 -21.79 -9.39
CA TYR B 97 -4.77 -21.34 -8.99
C TYR B 97 -4.89 -20.56 -7.68
N SER B 98 -3.84 -20.58 -6.88
CA SER B 98 -3.87 -19.85 -5.62
C SER B 98 -2.46 -19.36 -5.29
N PHE B 99 -2.42 -18.31 -4.47
CA PHE B 99 -1.18 -17.67 -4.05
C PHE B 99 -0.96 -17.88 -2.56
N GLY B 100 0.30 -17.87 -2.15
CA GLY B 100 0.61 -17.68 -0.75
C GLY B 100 0.34 -16.24 -0.35
N GLN B 101 0.36 -15.99 0.96
CA GLN B 101 0.00 -14.67 1.46
C GLN B 101 1.17 -13.69 1.48
N GLY B 102 2.35 -14.11 1.09
CA GLY B 102 3.43 -13.16 0.87
C GLY B 102 4.44 -13.13 2.00
N THR B 103 5.69 -12.82 1.64
CA THR B 103 6.76 -12.57 2.59
C THR B 103 7.40 -11.24 2.23
N LYS B 104 7.37 -10.29 3.16
CA LYS B 104 8.04 -9.01 2.94
C LYS B 104 9.49 -9.10 3.37
N VAL B 105 10.40 -8.76 2.47
CA VAL B 105 11.83 -8.70 2.77
C VAL B 105 12.19 -7.22 2.89
N GLU B 106 12.54 -6.78 4.09
CA GLU B 106 12.89 -5.40 4.36
C GLU B 106 14.34 -5.32 4.85
N ILE B 107 14.86 -4.09 4.88
CA ILE B 107 16.28 -3.86 5.14
C ILE B 107 16.53 -3.81 6.64
N LYS B 108 17.45 -4.66 7.11
CA LYS B 108 17.88 -4.62 8.50
C LYS B 108 18.99 -3.59 8.65
N ARG B 109 18.84 -2.71 9.65
CA ARG B 109 19.85 -1.73 10.00
C ARG B 109 19.92 -1.64 11.52
N THR B 110 20.78 -0.78 12.03
CA THR B 110 20.86 -0.60 13.48
C THR B 110 19.57 0.01 14.00
N VAL B 111 19.24 -0.33 15.25
CA VAL B 111 18.04 0.20 15.88
C VAL B 111 18.15 1.71 16.01
N ALA B 112 17.08 2.42 15.66
CA ALA B 112 17.02 3.86 15.76
C ALA B 112 15.72 4.25 16.44
N ALA B 113 15.84 5.00 17.54
CA ALA B 113 14.65 5.43 18.26
C ALA B 113 13.96 6.56 17.51
N PRO B 114 12.64 6.64 17.60
CA PRO B 114 11.93 7.72 16.93
C PRO B 114 12.15 9.06 17.61
N SER B 115 12.15 10.12 16.80
CA SER B 115 11.98 11.48 17.30
C SER B 115 10.49 11.79 17.29
N VAL B 116 9.97 12.30 18.40
CA VAL B 116 8.53 12.39 18.62
C VAL B 116 8.11 13.86 18.68
N PHE B 117 6.99 14.17 18.03
CA PHE B 117 6.43 15.51 17.96
C PHE B 117 4.92 15.43 18.09
N ILE B 118 4.33 16.33 18.88
CA ILE B 118 2.88 16.40 19.06
C ILE B 118 2.39 17.75 18.55
N PHE B 119 1.22 17.74 17.91
CA PHE B 119 0.64 18.94 17.30
C PHE B 119 -0.79 19.11 17.80
N PRO B 120 -1.13 20.26 18.39
CA PRO B 120 -2.52 20.50 18.80
C PRO B 120 -3.39 20.77 17.60
N PRO B 121 -4.72 20.71 17.76
CA PRO B 121 -5.60 21.11 16.66
C PRO B 121 -5.51 22.60 16.40
N SER B 122 -5.76 22.98 15.16
CA SER B 122 -5.72 24.39 14.78
C SER B 122 -7.03 25.07 15.18
N ASP B 123 -6.93 26.39 15.42
CA ASP B 123 -8.12 27.17 15.71
C ASP B 123 -9.12 27.09 14.55
N GLU B 124 -8.63 27.06 13.32
CA GLU B 124 -9.53 26.98 12.17
C GLU B 124 -10.34 25.69 12.18
N GLN B 125 -9.71 24.56 12.50
CA GLN B 125 -10.45 23.31 12.53
C GLN B 125 -11.48 23.31 13.65
N LEU B 126 -11.10 23.83 14.82
CA LEU B 126 -12.02 23.84 15.96
C LEU B 126 -13.30 24.59 15.65
N LYS B 127 -13.22 25.65 14.83
CA LYS B 127 -14.41 26.42 14.50
C LYS B 127 -15.49 25.55 13.87
N SER B 128 -15.10 24.48 13.19
CA SER B 128 -16.06 23.61 12.50
C SER B 128 -16.50 22.42 13.33
N GLY B 129 -16.08 22.32 14.60
CA GLY B 129 -16.66 21.39 15.54
C GLY B 129 -15.87 20.12 15.81
N THR B 130 -14.68 19.96 15.24
CA THR B 130 -13.88 18.76 15.44
C THR B 130 -12.44 19.14 15.74
N ALA B 131 -11.78 18.31 16.54
CA ALA B 131 -10.38 18.50 16.91
C ALA B 131 -9.58 17.27 16.48
N SER B 132 -8.55 17.50 15.67
CA SER B 132 -7.60 16.45 15.30
C SER B 132 -6.28 16.75 15.98
N VAL B 133 -5.80 15.81 16.79
CA VAL B 133 -4.51 15.90 17.45
C VAL B 133 -3.58 14.89 16.78
N VAL B 134 -2.38 15.33 16.42
CA VAL B 134 -1.47 14.55 15.59
C VAL B 134 -0.18 14.31 16.35
N CYS B 135 0.33 13.08 16.27
CA CYS B 135 1.62 12.71 16.84
C CYS B 135 2.49 12.09 15.77
N LEU B 136 3.71 12.59 15.62
CA LEU B 136 4.65 12.15 14.60
C LEU B 136 5.80 11.39 15.24
N LEU B 137 6.09 10.20 14.72
CA LEU B 137 7.24 9.40 15.12
C LEU B 137 8.16 9.32 13.89
N ASN B 138 9.32 9.97 13.97
CA ASN B 138 10.13 10.22 12.78
C ASN B 138 11.40 9.39 12.77
N ASN B 139 11.62 8.69 11.64
CA ASN B 139 12.92 8.09 11.28
C ASN B 139 13.39 7.08 12.34
N PHE B 140 12.60 6.03 12.51
CA PHE B 140 12.93 4.99 13.48
C PHE B 140 13.09 3.64 12.79
N TYR B 141 13.76 2.73 13.49
CA TYR B 141 13.87 1.33 13.08
C TYR B 141 14.02 0.41 14.28
N PRO B 142 13.34 -0.75 14.27
CA PRO B 142 12.44 -1.32 13.25
C PRO B 142 11.05 -0.70 13.27
N ARG B 143 10.15 -1.19 12.41
CA ARG B 143 8.87 -0.53 12.20
C ARG B 143 7.91 -0.72 13.36
N GLU B 144 8.09 -1.74 14.18
CA GLU B 144 7.19 -1.99 15.30
C GLU B 144 7.29 -0.84 16.32
N ALA B 145 6.15 -0.22 16.60
CA ALA B 145 6.09 0.90 17.53
C ALA B 145 4.66 1.02 18.05
N LYS B 146 4.52 1.58 19.25
CA LYS B 146 3.20 1.72 19.88
C LYS B 146 2.98 3.16 20.30
N VAL B 147 1.85 3.72 19.87
CA VAL B 147 1.41 5.05 20.27
C VAL B 147 0.24 4.89 21.24
N GLN B 148 0.33 5.54 22.40
CA GLN B 148 -0.76 5.56 23.37
C GLN B 148 -1.17 7.01 23.61
N TRP B 149 -2.38 7.36 23.19
CA TRP B 149 -2.92 8.68 23.49
C TRP B 149 -3.48 8.70 24.90
N LYS B 150 -3.21 9.79 25.61
CA LYS B 150 -3.74 10.02 26.94
C LYS B 150 -4.35 11.41 27.00
N VAL B 151 -5.54 11.50 27.58
CA VAL B 151 -6.26 12.76 27.75
C VAL B 151 -6.56 12.91 29.23
N ASP B 152 -5.89 13.87 29.87
CA ASP B 152 -5.91 13.99 31.33
C ASP B 152 -5.65 12.64 31.99
N ASN B 153 -4.67 11.92 31.44
CA ASN B 153 -4.16 10.64 31.93
C ASN B 153 -5.12 9.48 31.71
N ALA B 154 -6.22 9.68 30.99
CA ALA B 154 -7.09 8.59 30.59
C ALA B 154 -6.60 8.03 29.26
N LEU B 155 -6.36 6.72 29.22
CA LEU B 155 -5.87 6.07 28.00
C LEU B 155 -6.98 6.03 26.96
N GLN B 156 -6.68 6.52 25.76
CA GLN B 156 -7.65 6.57 24.67
C GLN B 156 -7.53 5.33 23.79
N SER B 157 -8.67 4.84 23.32
CA SER B 157 -8.69 3.69 22.43
C SER B 157 -9.92 3.78 21.53
N GLY B 158 -9.73 3.42 20.26
CA GLY B 158 -10.80 3.41 19.30
C GLY B 158 -11.08 4.73 18.61
N ASN B 159 -10.42 5.82 19.02
CA ASN B 159 -10.64 7.13 18.43
C ASN B 159 -9.37 7.67 17.76
N SER B 160 -8.50 6.77 17.30
CA SER B 160 -7.29 7.17 16.59
C SER B 160 -7.08 6.28 15.38
N GLN B 161 -6.32 6.81 14.41
CA GLN B 161 -5.87 6.06 13.25
C GLN B 161 -4.43 6.45 12.96
N GLU B 162 -3.67 5.53 12.39
CA GLU B 162 -2.26 5.81 12.11
C GLU B 162 -1.87 5.29 10.74
N SER B 163 -0.75 5.84 10.24
CA SER B 163 -0.20 5.50 8.94
C SER B 163 1.31 5.42 9.07
N VAL B 164 1.93 4.53 8.31
CA VAL B 164 3.38 4.33 8.34
C VAL B 164 3.91 4.43 6.92
N THR B 165 5.02 5.15 6.76
CA THR B 165 5.66 5.23 5.45
C THR B 165 6.32 3.91 5.09
N GLU B 166 6.56 3.73 3.79
CA GLU B 166 7.42 2.64 3.36
C GLU B 166 8.85 2.95 3.79
N GLN B 167 9.66 1.89 3.94
CA GLN B 167 11.03 2.06 4.39
C GLN B 167 11.80 3.01 3.47
N ASP B 168 12.53 3.93 4.09
CA ASP B 168 13.23 4.96 3.32
C ASP B 168 14.39 4.35 2.55
N SER B 169 14.49 4.70 1.26
CA SER B 169 15.49 4.07 0.41
C SER B 169 16.91 4.48 0.77
N LYS B 170 17.09 5.57 1.51
CA LYS B 170 18.43 6.08 1.81
C LYS B 170 18.91 5.70 3.21
N ASP B 171 18.09 5.90 4.24
CA ASP B 171 18.51 5.58 5.60
C ASP B 171 17.77 4.39 6.20
N SER B 172 16.87 3.77 5.45
CA SER B 172 16.21 2.52 5.84
C SER B 172 15.33 2.65 7.08
N THR B 173 14.85 3.85 7.39
CA THR B 173 13.98 4.05 8.54
C THR B 173 12.52 4.10 8.13
N TYR B 174 11.65 4.11 9.14
CA TYR B 174 10.23 4.30 8.99
C TYR B 174 9.81 5.55 9.74
N SER B 175 8.67 6.10 9.34
CA SER B 175 8.03 7.18 10.09
C SER B 175 6.55 6.87 10.22
N LEU B 176 5.94 7.41 11.27
CA LEU B 176 4.56 7.08 11.61
C LEU B 176 3.82 8.33 12.07
N SER B 177 2.58 8.47 11.60
CA SER B 177 1.71 9.58 11.98
C SER B 177 0.43 9.00 12.57
N SER B 178 0.06 9.48 13.75
CA SER B 178 -1.16 9.06 14.43
C SER B 178 -2.04 10.27 14.69
N THR B 179 -3.34 10.13 14.44
CA THR B 179 -4.29 11.20 14.63
C THR B 179 -5.37 10.78 15.61
N LEU B 180 -5.51 11.55 16.68
CA LEU B 180 -6.60 11.39 17.64
C LEU B 180 -7.69 12.39 17.27
N THR B 181 -8.93 11.90 17.18
CA THR B 181 -10.05 12.73 16.74
C THR B 181 -11.08 12.84 17.85
N LEU B 182 -11.40 14.07 18.24
CA LEU B 182 -12.36 14.38 19.29
C LEU B 182 -13.32 15.43 18.78
N SER B 183 -14.50 15.48 19.38
CA SER B 183 -15.39 16.62 19.14
C SER B 183 -14.82 17.85 19.82
N LYS B 184 -15.19 19.02 19.29
CA LYS B 184 -14.77 20.27 19.92
C LYS B 184 -15.19 20.32 21.38
N ALA B 185 -16.40 19.88 21.68
CA ALA B 185 -16.90 19.90 23.06
C ALA B 185 -16.02 19.03 23.96
N ASP B 186 -15.69 17.82 23.50
CA ASP B 186 -14.80 16.97 24.27
C ASP B 186 -13.42 17.58 24.42
N TYR B 187 -12.89 18.15 23.33
CA TYR B 187 -11.55 18.73 23.38
C TYR B 187 -11.46 19.84 24.41
N GLU B 188 -12.49 20.70 24.47
CA GLU B 188 -12.47 21.83 25.39
C GLU B 188 -12.81 21.44 26.82
N LYS B 189 -13.19 20.18 27.07
CA LYS B 189 -13.46 19.71 28.42
C LYS B 189 -12.22 19.23 29.15
N HIS B 190 -11.12 19.00 28.45
CA HIS B 190 -9.93 18.41 29.03
C HIS B 190 -8.73 19.32 28.84
N LYS B 191 -7.67 19.04 29.60
CA LYS B 191 -6.52 19.94 29.72
C LYS B 191 -5.26 19.38 29.06
N VAL B 192 -4.80 18.21 29.47
CA VAL B 192 -3.49 17.70 29.07
C VAL B 192 -3.66 16.64 27.99
N TYR B 193 -3.01 16.86 26.85
CA TYR B 193 -3.04 15.92 25.73
C TYR B 193 -1.64 15.36 25.53
N ALA B 194 -1.52 14.04 25.60
CA ALA B 194 -0.22 13.39 25.66
C ALA B 194 -0.14 12.26 24.63
N CYS B 195 1.01 12.15 23.99
CA CYS B 195 1.34 11.05 23.08
C CYS B 195 2.52 10.30 23.68
N GLU B 196 2.28 9.07 24.13
CA GLU B 196 3.31 8.24 24.73
C GLU B 196 3.74 7.18 23.73
N VAL B 197 5.05 7.09 23.49
CA VAL B 197 5.60 6.26 22.42
C VAL B 197 6.47 5.17 23.04
N THR B 198 6.19 3.92 22.66
CA THR B 198 7.01 2.77 23.06
C THR B 198 7.69 2.22 21.82
N HIS B 199 9.00 1.97 21.94
CA HIS B 199 9.79 1.45 20.83
C HIS B 199 11.04 0.81 21.42
N GLN B 200 11.51 -0.25 20.78
CA GLN B 200 12.62 -1.01 21.34
C GLN B 200 13.92 -0.23 21.35
N GLY B 201 14.00 0.89 20.63
CA GLY B 201 15.15 1.77 20.73
C GLY B 201 15.13 2.72 21.90
N LEU B 202 14.03 2.75 22.64
CA LEU B 202 13.85 3.62 23.79
C LEU B 202 13.88 2.77 25.06
N SER B 203 14.78 3.09 25.99
CA SER B 203 14.86 2.30 27.20
C SER B 203 13.58 2.38 28.03
N SER B 204 12.86 3.49 27.94
CA SER B 204 11.54 3.63 28.52
C SER B 204 10.74 4.58 27.62
N PRO B 205 9.41 4.54 27.71
CA PRO B 205 8.59 5.31 26.75
C PRO B 205 8.84 6.80 26.84
N VAL B 206 8.72 7.46 25.69
CA VAL B 206 8.84 8.91 25.58
C VAL B 206 7.44 9.49 25.44
N THR B 207 7.16 10.55 26.21
CA THR B 207 5.88 11.25 26.13
C THR B 207 6.12 12.69 25.71
N LYS B 208 5.39 13.12 24.69
CA LYS B 208 5.27 14.52 24.32
C LYS B 208 3.83 14.96 24.60
N SER B 209 3.68 16.15 25.18
CA SER B 209 2.35 16.59 25.59
C SER B 209 2.23 18.10 25.46
N PHE B 210 0.98 18.57 25.50
CA PHE B 210 0.68 19.99 25.59
C PHE B 210 -0.55 20.20 26.46
N ASN B 211 -0.66 21.40 27.00
CA ASN B 211 -1.84 21.82 27.75
C ASN B 211 -2.70 22.69 26.84
N ARG B 212 -3.98 22.34 26.71
CA ARG B 212 -4.87 23.09 25.84
C ARG B 212 -4.89 24.56 26.22
N GLY B 213 -4.61 25.43 25.26
CA GLY B 213 -4.67 26.86 25.45
C GLY B 213 -3.38 27.53 25.85
N GLU B 214 -2.30 26.77 26.06
CA GLU B 214 -1.02 27.32 26.46
C GLU B 214 -0.09 27.38 25.27
N CYS B 215 0.60 28.51 25.12
CA CYS B 215 1.48 28.75 23.99
C CYS B 215 2.65 27.77 23.95
#